data_4KYH
#
_entry.id   4KYH
#
_cell.length_a   41.781
_cell.length_b   64.716
_cell.length_c   65.361
_cell.angle_alpha   90.00
_cell.angle_beta   101.90
_cell.angle_gamma   90.00
#
_symmetry.space_group_name_H-M   'P 1 21 1'
#
loop_
_entity.id
_entity.type
_entity.pdbx_description
1 polymer 'Lactoylglutathione lyase'
2 non-polymer 'ZINC ION'
3 non-polymer '3,4-DIHYDRO-4-OXO-3-((5-TRIFLUOROMETHYL-2-BENZOTHIAZOLYL)METHYL)-1-PHTHALAZINE ACETIC ACID'
4 water water
#
_entity_poly.entity_id   1
_entity_poly.type   'polypeptide(L)'
_entity_poly.pdbx_seq_one_letter_code
;MAEPQPASSGLTDETAFSCCSDPDPSTKDFLLQQTMLRIKDPKKSLDFYTRVLGLTLLQKLDFPAMKFSLYFLAYEDKND
IPKDKSEKTAWTFSRKATLELTHNWGTEDDETQSYHNGNSDPRGFGHIGIAVPDVYSACKRFEELGVKFVKKPDDGKMKG
LAFIQDPDGYWIEILNPNKIATII
;
_entity_poly.pdbx_strand_id   A,B
#
loop_
_chem_comp.id
_chem_comp.type
_chem_comp.name
_chem_comp.formula
ZN non-polymer 'ZINC ION' 'Zn 2'
ZST non-polymer '3,4-DIHYDRO-4-OXO-3-((5-TRIFLUOROMETHYL-2-BENZOTHIAZOLYL)METHYL)-1-PHTHALAZINE ACETIC ACID' 'C19 H12 F3 N3 O3 S'
#
# COMPACT_ATOMS: atom_id res chain seq x y z
N PRO A 6 -13.65 -17.15 26.26
CA PRO A 6 -12.36 -17.65 25.76
C PRO A 6 -11.53 -16.61 24.96
N ALA A 7 -10.24 -16.51 25.30
CA ALA A 7 -9.26 -15.65 24.65
C ALA A 7 -9.19 -15.87 23.13
N SER A 8 -8.82 -14.82 22.39
CA SER A 8 -8.55 -14.97 20.94
C SER A 8 -7.24 -15.73 20.75
N SER A 9 -7.29 -16.80 19.96
CA SER A 9 -6.10 -17.47 19.49
C SER A 9 -6.29 -17.42 18.00
N GLY A 10 -6.92 -16.31 17.59
CA GLY A 10 -7.09 -15.96 16.21
C GLY A 10 -7.98 -16.96 15.53
N LEU A 11 -8.14 -16.81 14.23
CA LEU A 11 -8.97 -17.72 13.48
C LEU A 11 -8.15 -18.93 13.04
N THR A 12 -8.80 -20.09 13.09
CA THR A 12 -8.29 -21.27 12.40
C THR A 12 -8.33 -20.91 10.91
N ASP A 13 -7.57 -21.60 10.09
CA ASP A 13 -7.76 -21.43 8.66
C ASP A 13 -9.21 -21.70 8.21
N GLU A 14 -9.91 -22.59 8.91
CA GLU A 14 -11.28 -22.88 8.53
C GLU A 14 -12.19 -21.68 8.73
N THR A 15 -12.21 -21.10 9.94
CA THR A 15 -12.97 -19.87 10.13
C THR A 15 -12.50 -18.79 9.13
N ALA A 16 -11.19 -18.73 8.86
CA ALA A 16 -10.65 -17.64 8.05
C ALA A 16 -11.25 -17.73 6.66
N PHE A 17 -11.02 -18.86 5.98
CA PHE A 17 -11.57 -19.09 4.63
C PHE A 17 -13.09 -19.14 4.55
N SER A 18 -13.75 -19.56 5.62
CA SER A 18 -15.21 -19.51 5.64
C SER A 18 -15.72 -18.06 5.50
N CYS A 19 -14.94 -17.09 5.97
CA CYS A 19 -15.29 -15.67 5.81
C CYS A 19 -15.01 -15.11 4.44
N CYS A 20 -14.34 -15.89 3.61
CA CYS A 20 -13.91 -15.43 2.28
C CYS A 20 -14.89 -15.87 1.20
N SER A 21 -15.15 -14.95 0.27
CA SER A 21 -16.12 -15.10 -0.78
C SER A 21 -15.46 -14.97 -2.12
N ASP A 22 -15.94 -15.75 -3.09
CA ASP A 22 -15.60 -15.44 -4.48
C ASP A 22 -15.99 -13.99 -4.90
N PRO A 23 -15.13 -13.34 -5.70
CA PRO A 23 -15.41 -11.95 -6.09
C PRO A 23 -16.71 -11.82 -6.90
N ASP A 24 -17.59 -10.91 -6.52
CA ASP A 24 -18.71 -10.69 -7.38
C ASP A 24 -18.18 -10.36 -8.78
N PRO A 25 -18.84 -10.88 -9.85
CA PRO A 25 -18.30 -10.60 -11.19
C PRO A 25 -18.18 -9.09 -11.49
N SER A 26 -19.04 -8.25 -10.91
CA SER A 26 -18.89 -6.80 -11.11
C SER A 26 -17.49 -6.24 -10.68
N THR A 27 -16.76 -7.01 -9.85
CA THR A 27 -15.49 -6.58 -9.26
C THR A 27 -14.28 -7.12 -10.05
N LYS A 28 -14.51 -7.83 -11.13
CA LYS A 28 -13.41 -8.61 -11.78
C LYS A 28 -12.34 -7.78 -12.50
N ASP A 29 -12.56 -6.49 -12.70
CA ASP A 29 -11.51 -5.66 -13.31
C ASP A 29 -11.00 -4.58 -12.36
N PHE A 30 -11.42 -4.65 -11.09
CA PHE A 30 -10.92 -3.78 -10.02
C PHE A 30 -9.46 -4.09 -9.89
N LEU A 31 -8.68 -3.10 -9.48
CA LEU A 31 -7.23 -3.22 -9.43
C LEU A 31 -6.69 -2.44 -8.23
N LEU A 32 -5.77 -3.03 -7.49
CA LEU A 32 -5.21 -2.36 -6.33
C LEU A 32 -4.13 -1.36 -6.84
N GLN A 33 -4.46 -0.08 -6.88
CA GLN A 33 -3.73 0.88 -7.75
C GLN A 33 -2.65 1.69 -7.03
N GLN A 34 -2.92 1.99 -5.74
CA GLN A 34 -2.07 2.89 -4.97
C GLN A 34 -2.09 2.72 -3.45
N THR A 35 -1.01 3.20 -2.84
CA THR A 35 -0.90 3.36 -1.42
C THR A 35 -0.45 4.76 -1.27
N MET A 36 -1.15 5.56 -0.47
CA MET A 36 -0.75 6.94 -0.33
C MET A 36 -0.07 7.16 1.00
N LEU A 37 1.12 7.81 0.95
CA LEU A 37 1.88 8.28 2.10
C LEU A 37 2.17 9.75 1.93
N ARG A 38 2.00 10.47 3.03
CA ARG A 38 2.35 11.84 3.14
C ARG A 38 3.84 11.98 3.36
N ILE A 39 4.48 12.86 2.59
CA ILE A 39 5.95 13.06 2.65
C ILE A 39 6.30 14.52 2.88
N LYS A 40 7.31 14.75 3.73
CA LYS A 40 7.71 16.10 4.17
C LYS A 40 8.54 16.82 3.09
N ASP A 41 9.38 16.06 2.41
CA ASP A 41 10.31 16.63 1.45
C ASP A 41 10.43 15.65 0.30
N PRO A 42 9.87 16.04 -0.84
CA PRO A 42 9.93 15.30 -2.09
C PRO A 42 11.32 15.20 -2.69
N LYS A 43 12.24 16.09 -2.33
CA LYS A 43 13.60 15.96 -2.82
C LYS A 43 14.21 14.72 -2.22
N LYS A 44 14.07 14.55 -0.90
CA LYS A 44 14.63 13.33 -0.25
C LYS A 44 13.97 12.07 -0.68
N SER A 45 12.67 12.14 -0.85
CA SER A 45 11.82 11.00 -1.04
C SER A 45 11.99 10.50 -2.46
N LEU A 46 12.05 11.46 -3.38
CA LEU A 46 12.33 11.17 -4.77
C LEU A 46 13.72 10.53 -4.91
N ASP A 47 14.72 11.13 -4.29
CA ASP A 47 16.03 10.58 -4.40
C ASP A 47 15.96 9.15 -3.91
N PHE A 48 15.44 8.97 -2.73
CA PHE A 48 15.36 7.68 -2.07
C PHE A 48 14.70 6.57 -2.88
N TYR A 49 13.46 6.80 -3.32
CA TYR A 49 12.70 5.78 -4.04
C TYR A 49 13.27 5.45 -5.42
N THR A 50 13.79 6.43 -6.11
CA THR A 50 14.33 6.21 -7.43
C THR A 50 15.78 5.67 -7.25
N ARG A 51 16.66 6.42 -6.58
CA ARG A 51 18.06 6.04 -6.55
C ARG A 51 18.36 4.80 -5.67
N VAL A 52 17.66 4.66 -4.54
CA VAL A 52 17.91 3.55 -3.61
C VAL A 52 17.15 2.23 -3.94
N LEU A 53 15.87 2.37 -4.30
CA LEU A 53 14.97 1.25 -4.44
C LEU A 53 14.57 0.97 -5.88
N GLY A 54 14.84 1.95 -6.75
CA GLY A 54 14.73 1.78 -8.16
C GLY A 54 13.35 1.92 -8.76
N LEU A 55 12.46 2.66 -8.09
CA LEU A 55 11.11 2.91 -8.58
C LEU A 55 11.30 3.94 -9.65
N THR A 56 10.24 4.28 -10.36
CA THR A 56 10.35 5.30 -11.41
C THR A 56 9.25 6.31 -11.16
N LEU A 57 9.52 7.59 -11.42
CA LEU A 57 8.53 8.64 -11.17
C LEU A 57 7.62 8.58 -12.37
N LEU A 58 6.34 8.24 -12.13
CA LEU A 58 5.42 8.11 -13.27
C LEU A 58 4.90 9.49 -13.68
N GLN A 59 4.49 10.26 -12.68
CA GLN A 59 3.83 11.52 -12.91
C GLN A 59 3.87 12.37 -11.65
N LYS A 60 4.02 13.67 -11.88
CA LYS A 60 3.93 14.67 -10.85
C LYS A 60 2.71 15.52 -11.19
N LEU A 61 1.73 15.57 -10.28
CA LEU A 61 0.50 16.36 -10.46
C LEU A 61 0.46 17.47 -9.40
N ASP A 62 0.26 18.71 -9.83
CA ASP A 62 0.19 19.81 -8.88
C ASP A 62 -1.20 20.35 -8.70
N PHE A 63 -1.60 20.55 -7.44
CA PHE A 63 -2.87 21.19 -7.11
C PHE A 63 -2.75 22.56 -6.43
N PRO A 64 -2.60 23.64 -7.23
CA PRO A 64 -2.34 25.00 -6.72
C PRO A 64 -3.35 25.50 -5.68
N ALA A 65 -4.64 25.35 -5.99
CA ALA A 65 -5.73 25.77 -5.13
C ALA A 65 -5.65 25.09 -3.79
N MET A 66 -5.19 23.83 -3.80
CA MET A 66 -5.23 23.02 -2.58
C MET A 66 -3.87 22.90 -1.93
N LYS A 67 -2.82 23.37 -2.60
CA LYS A 67 -1.46 23.46 -2.03
C LYS A 67 -0.79 22.13 -1.77
N PHE A 68 -0.98 21.17 -2.67
CA PHE A 68 -0.19 19.95 -2.60
C PHE A 68 0.15 19.48 -3.99
N SER A 69 1.12 18.57 -4.07
CA SER A 69 1.38 17.80 -5.28
C SER A 69 1.32 16.35 -4.97
N LEU A 70 1.09 15.55 -6.00
CA LEU A 70 1.15 14.12 -5.92
C LEU A 70 2.31 13.53 -6.73
N TYR A 71 3.09 12.65 -6.12
CA TYR A 71 4.12 11.98 -6.88
C TYR A 71 3.84 10.51 -6.89
N PHE A 72 3.62 9.95 -8.08
CA PHE A 72 3.35 8.54 -8.23
C PHE A 72 4.62 7.89 -8.65
N LEU A 73 5.00 6.86 -7.90
CA LEU A 73 6.19 6.07 -8.20
C LEU A 73 5.75 4.66 -8.41
N ALA A 74 6.45 3.91 -9.26
CA ALA A 74 6.12 2.53 -9.52
C ALA A 74 7.34 1.90 -10.11
N TYR A 75 7.39 0.58 -10.11
CA TYR A 75 8.36 -0.17 -10.93
C TYR A 75 7.82 -0.37 -12.34
N GLU A 76 8.26 0.51 -13.22
CA GLU A 76 7.78 0.62 -14.59
C GLU A 76 8.97 1.19 -15.33
N ASP A 77 9.08 0.81 -16.60
CA ASP A 77 10.09 1.36 -17.50
C ASP A 77 9.62 2.75 -17.91
N LYS A 78 10.48 3.75 -17.72
CA LYS A 78 10.14 5.12 -18.10
C LYS A 78 9.83 5.33 -19.60
N ASN A 79 10.30 4.43 -20.48
CA ASN A 79 10.00 4.51 -21.92
C ASN A 79 8.55 4.15 -22.23
N ASP A 80 7.88 3.46 -21.30
CA ASP A 80 6.46 3.17 -21.42
C ASP A 80 5.53 4.36 -21.05
N ILE A 81 6.04 5.41 -20.38
CA ILE A 81 5.17 6.51 -19.89
C ILE A 81 4.73 7.44 -21.06
N PRO A 82 3.41 7.54 -21.33
CA PRO A 82 3.07 8.54 -22.36
C PRO A 82 3.51 9.91 -21.91
N LYS A 83 3.98 10.72 -22.84
CA LYS A 83 4.54 12.04 -22.50
C LYS A 83 3.51 13.15 -22.46
N ASP A 84 2.37 12.88 -23.09
CA ASP A 84 1.26 13.82 -23.17
C ASP A 84 0.40 13.71 -21.92
N LYS A 85 0.04 14.87 -21.34
CA LYS A 85 -0.56 14.96 -20.01
C LYS A 85 -1.80 14.07 -19.73
N SER A 86 -2.81 14.16 -20.59
CA SER A 86 -4.00 13.32 -20.43
C SER A 86 -3.68 11.83 -20.65
N GLU A 87 -2.78 11.55 -21.60
CA GLU A 87 -2.36 10.16 -21.85
C GLU A 87 -1.47 9.61 -20.69
N LYS A 88 -0.59 10.45 -20.18
CA LYS A 88 0.17 10.09 -18.99
C LYS A 88 -0.79 9.67 -17.88
N THR A 89 -1.79 10.51 -17.66
CA THR A 89 -2.73 10.33 -16.59
C THR A 89 -3.53 9.03 -16.67
N ALA A 90 -4.12 8.76 -17.83
CA ALA A 90 -4.84 7.51 -18.00
C ALA A 90 -3.90 6.31 -17.80
N TRP A 91 -2.64 6.42 -18.21
CA TRP A 91 -1.71 5.30 -18.09
C TRP A 91 -1.28 5.02 -16.62
N THR A 92 -0.89 6.08 -15.90
CA THR A 92 -0.53 6.04 -14.47
C THR A 92 -1.60 5.44 -13.56
N PHE A 93 -2.83 5.89 -13.76
CA PHE A 93 -3.89 5.52 -12.85
C PHE A 93 -4.47 4.16 -13.14
N SER A 94 -3.89 3.50 -14.14
CA SER A 94 -4.27 2.14 -14.49
C SER A 94 -3.08 1.20 -14.30
N ARG A 95 -2.00 1.72 -13.71
CA ARG A 95 -0.92 0.85 -13.28
C ARG A 95 -1.31 0.23 -11.98
N LYS A 96 -0.83 -0.99 -11.80
CA LYS A 96 -0.92 -1.72 -10.54
C LYS A 96 0.28 -1.41 -9.60
N ALA A 97 0.05 -1.56 -8.31
CA ALA A 97 1.07 -1.30 -7.32
C ALA A 97 1.80 0.03 -7.45
N THR A 98 1.12 1.18 -7.36
CA THR A 98 1.89 2.46 -7.37
C THR A 98 1.97 3.05 -5.95
N LEU A 99 2.98 3.89 -5.72
CA LEU A 99 3.09 4.71 -4.51
C LEU A 99 2.69 6.10 -4.86
N GLU A 100 1.85 6.65 -4.02
CA GLU A 100 1.44 8.01 -4.22
C GLU A 100 1.99 8.79 -3.06
N LEU A 101 2.92 9.68 -3.33
CA LEU A 101 3.44 10.44 -2.27
C LEU A 101 2.84 11.84 -2.37
N THR A 102 2.26 12.28 -1.26
CA THR A 102 1.56 13.54 -1.16
C THR A 102 2.43 14.55 -0.47
N HIS A 103 2.75 15.61 -1.19
CA HIS A 103 3.53 16.73 -0.65
C HIS A 103 2.64 17.95 -0.46
N ASN A 104 2.19 18.17 0.79
CA ASN A 104 1.61 19.44 1.21
C ASN A 104 2.69 20.50 1.19
N TRP A 105 2.57 21.51 0.35
CA TRP A 105 3.67 22.45 0.14
C TRP A 105 4.15 23.07 1.42
N GLY A 106 5.45 23.29 1.53
CA GLY A 106 6.00 24.03 2.65
C GLY A 106 6.41 23.20 3.83
N THR A 107 6.03 21.91 3.87
CA THR A 107 6.45 21.08 5.02
C THR A 107 7.97 20.89 5.11
N GLU A 108 8.66 20.92 3.97
CA GLU A 108 10.13 20.81 3.92
C GLU A 108 10.87 21.88 4.74
N ASP A 109 10.32 23.10 4.77
CA ASP A 109 10.92 24.24 5.49
C ASP A 109 10.27 24.48 6.85
N ASP A 110 9.42 23.55 7.30
CA ASP A 110 8.79 23.65 8.62
C ASP A 110 9.43 22.66 9.58
N GLU A 111 10.39 23.14 10.35
CA GLU A 111 11.20 22.26 11.20
C GLU A 111 10.46 21.65 12.42
N THR A 112 9.25 22.13 12.66
CA THR A 112 8.38 21.60 13.72
C THR A 112 7.41 20.50 13.21
N GLN A 113 7.53 20.13 11.93
CA GLN A 113 6.57 19.23 11.30
C GLN A 113 7.22 17.92 10.90
N SER A 114 6.55 16.83 11.22
CA SER A 114 6.94 15.51 10.73
C SER A 114 5.69 14.64 10.68
N TYR A 115 5.78 13.54 9.96
CA TYR A 115 4.66 12.65 9.85
C TYR A 115 4.88 11.45 10.75
N HIS A 116 3.83 10.65 10.88
CA HIS A 116 3.83 9.56 11.83
C HIS A 116 3.80 8.29 11.02
N ASN A 117 4.70 7.36 11.33
CA ASN A 117 4.82 6.19 10.49
C ASN A 117 3.82 5.09 10.79
N GLY A 118 3.10 5.22 11.92
CA GLY A 118 2.00 4.30 12.21
C GLY A 118 2.46 3.12 13.05
N ASN A 119 3.76 3.09 13.38
CA ASN A 119 4.34 1.92 14.12
C ASN A 119 4.49 2.03 15.62
N SER A 120 4.15 3.21 16.14
CA SER A 120 4.05 3.51 17.55
C SER A 120 2.75 4.31 17.77
N ASP A 121 2.24 4.36 19.01
CA ASP A 121 0.99 5.08 19.37
C ASP A 121 0.77 6.49 18.77
N PRO A 122 -0.32 6.70 17.97
CA PRO A 122 -1.33 5.67 17.66
C PRO A 122 -0.93 4.83 16.45
N ARG A 123 -1.14 3.53 16.58
CA ARG A 123 -0.77 2.54 15.57
C ARG A 123 -1.87 2.34 14.53
N GLY A 124 -1.48 2.07 13.30
CA GLY A 124 -2.44 1.74 12.24
C GLY A 124 -1.75 1.04 11.09
N PHE A 125 -1.46 1.83 10.06
CA PHE A 125 -0.66 1.40 8.95
C PHE A 125 0.70 0.91 9.43
N GLY A 126 1.26 -0.12 8.82
CA GLY A 126 2.52 -0.59 9.31
C GLY A 126 3.70 -0.34 8.42
N HIS A 127 3.56 -0.73 7.17
CA HIS A 127 4.61 -0.59 6.15
C HIS A 127 4.12 -0.99 4.78
N ILE A 128 4.91 -0.55 3.80
CA ILE A 128 4.92 -1.18 2.48
C ILE A 128 6.08 -2.18 2.50
N GLY A 129 6.11 -3.08 1.51
CA GLY A 129 7.10 -4.16 1.41
C GLY A 129 7.56 -4.41 -0.03
N ILE A 130 8.86 -4.66 -0.21
CA ILE A 130 9.44 -4.87 -1.54
C ILE A 130 10.14 -6.21 -1.62
N ALA A 131 9.69 -7.03 -2.59
CA ALA A 131 10.26 -8.33 -2.90
C ALA A 131 11.53 -8.11 -3.67
N VAL A 132 12.60 -8.77 -3.23
CA VAL A 132 13.87 -8.67 -3.93
C VAL A 132 14.28 -10.11 -4.16
N PRO A 133 15.20 -10.34 -5.11
CA PRO A 133 15.87 -11.65 -5.31
C PRO A 133 16.83 -12.06 -4.17
N ASP A 134 17.54 -11.12 -3.57
CA ASP A 134 18.45 -11.41 -2.43
C ASP A 134 18.48 -10.29 -1.41
N VAL A 135 17.90 -10.56 -0.24
CA VAL A 135 17.82 -9.60 0.87
C VAL A 135 19.22 -9.12 1.35
N TYR A 136 20.20 -10.07 1.39
CA TYR A 136 21.55 -9.81 1.97
C TYR A 136 22.38 -8.90 1.10
N SER A 137 22.35 -9.09 -0.23
CA SER A 137 22.97 -8.08 -1.09
C SER A 137 22.15 -6.81 -1.16
N ALA A 138 20.83 -6.94 -1.14
CA ALA A 138 19.99 -5.74 -1.15
C ALA A 138 20.41 -4.91 0.05
N CYS A 139 20.53 -5.55 1.23
CA CYS A 139 20.80 -4.81 2.48
C CYS A 139 22.20 -4.29 2.62
N LYS A 140 23.16 -5.06 2.11
CA LYS A 140 24.53 -4.63 2.03
C LYS A 140 24.61 -3.41 1.11
N ARG A 141 23.95 -3.48 -0.04
CA ARG A 141 23.87 -2.29 -0.88
C ARG A 141 23.23 -1.11 -0.09
N PHE A 142 22.11 -1.36 0.59
CA PHE A 142 21.51 -0.33 1.43
C PHE A 142 22.46 0.28 2.46
N GLU A 143 23.24 -0.56 3.14
N GLU A 143 23.25 -0.55 3.14
CA GLU A 143 24.18 -0.07 4.14
CA GLU A 143 24.19 -0.08 4.17
C GLU A 143 25.14 0.89 3.45
C GLU A 143 25.35 0.73 3.58
N GLU A 144 25.68 0.49 2.32
CA GLU A 144 26.66 1.29 1.61
C GLU A 144 26.15 2.72 1.28
N LEU A 145 24.86 2.85 0.96
CA LEU A 145 24.25 4.15 0.65
C LEU A 145 23.66 4.87 1.86
N GLY A 146 23.83 4.35 3.08
CA GLY A 146 23.36 5.05 4.31
C GLY A 146 21.88 4.98 4.70
N VAL A 147 21.18 3.96 4.26
CA VAL A 147 19.79 3.76 4.66
C VAL A 147 19.68 3.46 6.20
N LYS A 148 18.82 4.20 6.95
CA LYS A 148 18.55 3.82 8.35
C LYS A 148 17.83 2.48 8.37
N PHE A 149 18.24 1.57 9.26
CA PHE A 149 17.52 0.30 9.36
C PHE A 149 16.59 0.26 10.54
N VAL A 150 15.41 -0.31 10.31
CA VAL A 150 14.58 -0.71 11.44
C VAL A 150 15.08 -2.10 11.91
N LYS A 151 15.36 -3.02 10.98
CA LYS A 151 15.88 -4.36 11.32
C LYS A 151 16.88 -4.83 10.25
N LYS A 152 18.09 -5.23 10.64
CA LYS A 152 19.02 -5.79 9.69
C LYS A 152 18.59 -7.23 9.51
N PRO A 153 18.86 -7.81 8.32
CA PRO A 153 18.33 -9.12 7.99
C PRO A 153 18.78 -10.20 8.96
N ASP A 154 20.04 -10.19 9.39
CA ASP A 154 20.40 -11.19 10.40
C ASP A 154 20.18 -10.74 11.85
N ASP A 155 19.51 -9.60 12.04
CA ASP A 155 19.18 -9.09 13.38
C ASP A 155 17.84 -9.61 13.87
N GLY A 156 17.61 -9.45 15.18
CA GLY A 156 16.34 -9.85 15.80
C GLY A 156 15.99 -11.31 15.60
N LYS A 157 14.68 -11.58 15.62
CA LYS A 157 14.12 -12.93 15.64
C LYS A 157 14.24 -13.70 14.30
N MET A 158 13.49 -13.22 13.29
CA MET A 158 13.40 -13.84 11.97
C MET A 158 14.59 -13.40 11.09
N LYS A 159 15.60 -14.26 10.95
CA LYS A 159 16.73 -13.93 10.09
C LYS A 159 16.32 -14.02 8.61
N GLY A 160 16.92 -13.21 7.74
CA GLY A 160 16.51 -13.18 6.32
C GLY A 160 15.42 -12.17 5.98
N LEU A 161 14.92 -11.47 7.01
CA LEU A 161 13.89 -10.47 6.88
C LEU A 161 14.38 -9.08 7.35
N ALA A 162 14.27 -8.08 6.49
CA ALA A 162 14.75 -6.73 6.83
C ALA A 162 13.65 -5.70 6.82
N PHE A 163 13.77 -4.68 7.68
CA PHE A 163 12.91 -3.50 7.63
C PHE A 163 13.85 -2.31 7.54
N ILE A 164 13.70 -1.52 6.48
CA ILE A 164 14.39 -0.23 6.40
C ILE A 164 13.39 0.94 6.58
N GLN A 165 13.88 2.17 6.61
CA GLN A 165 13.03 3.37 6.73
C GLN A 165 13.22 4.33 5.58
N ASP A 166 12.18 5.02 5.14
CA ASP A 166 12.39 5.98 4.06
C ASP A 166 12.70 7.33 4.71
N PRO A 167 12.87 8.42 3.93
CA PRO A 167 13.30 9.68 4.56
C PRO A 167 12.34 10.26 5.61
N ASP A 168 11.05 9.96 5.55
CA ASP A 168 10.08 10.31 6.62
C ASP A 168 9.93 9.32 7.80
N GLY A 169 10.64 8.20 7.82
CA GLY A 169 10.47 7.20 8.88
C GLY A 169 9.55 6.01 8.58
N TYR A 170 8.89 6.01 7.43
CA TYR A 170 8.04 4.87 7.07
C TYR A 170 8.83 3.59 7.00
N TRP A 171 8.27 2.52 7.52
CA TRP A 171 8.92 1.22 7.47
C TRP A 171 8.73 0.57 6.09
N ILE A 172 9.78 -0.10 5.60
CA ILE A 172 9.76 -0.81 4.32
C ILE A 172 10.35 -2.22 4.54
N GLU A 173 9.51 -3.25 4.44
CA GLU A 173 9.97 -4.63 4.55
C GLU A 173 10.74 -4.97 3.29
N ILE A 174 11.90 -5.61 3.45
CA ILE A 174 12.70 -6.06 2.35
C ILE A 174 12.67 -7.59 2.40
N LEU A 175 12.09 -8.19 1.38
CA LEU A 175 11.71 -9.57 1.50
C LEU A 175 12.03 -10.47 0.28
N ASN A 176 12.33 -11.72 0.58
CA ASN A 176 12.64 -12.68 -0.48
C ASN A 176 11.52 -13.70 -0.56
N PRO A 177 10.67 -13.58 -1.61
CA PRO A 177 9.48 -14.43 -1.65
C PRO A 177 9.78 -15.94 -1.71
N ASN A 178 10.92 -16.34 -2.24
CA ASN A 178 11.24 -17.76 -2.35
C ASN A 178 11.88 -18.36 -1.06
N LYS A 179 11.92 -17.58 0.02
CA LYS A 179 12.47 -18.02 1.31
C LYS A 179 11.71 -17.36 2.44
N ILE A 180 10.39 -17.30 2.36
CA ILE A 180 9.61 -16.74 3.46
C ILE A 180 9.07 -17.88 4.36
N ALA A 181 8.73 -19.00 3.73
CA ALA A 181 8.24 -20.20 4.43
C ALA A 181 9.32 -20.85 5.34
N THR A 182 10.49 -20.22 5.40
CA THR A 182 11.62 -20.73 6.18
C THR A 182 11.66 -20.15 7.61
N SER B 9 4.19 27.14 -2.30
CA SER B 9 4.97 27.24 -3.56
C SER B 9 5.08 25.92 -4.34
N GLY B 10 5.52 24.83 -3.70
CA GLY B 10 5.68 23.52 -4.38
C GLY B 10 7.02 23.41 -5.11
N LEU B 11 7.44 22.20 -5.53
CA LEU B 11 8.69 22.02 -6.33
C LEU B 11 8.31 22.30 -7.77
N THR B 12 9.20 22.92 -8.54
CA THR B 12 8.99 23.00 -9.96
C THR B 12 9.28 21.61 -10.46
N ASP B 13 8.79 21.32 -11.67
CA ASP B 13 9.11 20.07 -12.36
C ASP B 13 10.59 19.83 -12.46
N GLU B 14 11.34 20.87 -12.77
CA GLU B 14 12.77 20.66 -12.94
C GLU B 14 13.49 20.21 -11.65
N THR B 15 13.19 20.83 -10.51
CA THR B 15 13.74 20.33 -9.22
C THR B 15 13.35 18.88 -8.90
N ALA B 16 12.08 18.53 -9.17
CA ALA B 16 11.60 17.19 -8.87
C ALA B 16 12.30 16.16 -9.73
N PHE B 17 12.33 16.44 -11.04
CA PHE B 17 12.91 15.49 -12.01
C PHE B 17 14.41 15.32 -11.75
N SER B 18 15.09 16.39 -11.39
CA SER B 18 16.51 16.30 -11.16
C SER B 18 16.86 15.55 -9.85
N CYS B 19 15.82 15.13 -9.09
CA CYS B 19 16.02 14.35 -7.89
C CYS B 19 15.73 12.90 -8.20
N CYS B 20 15.41 12.64 -9.46
CA CYS B 20 15.12 11.28 -9.85
C CYS B 20 16.31 10.63 -10.55
N SER B 21 16.75 9.48 -10.04
CA SER B 21 17.80 8.73 -10.69
C SER B 21 17.22 7.61 -11.51
N ASP B 22 17.97 7.19 -12.52
CA ASP B 22 17.62 5.96 -13.13
C ASP B 22 17.88 4.82 -12.13
N PRO B 23 17.13 3.73 -12.24
CA PRO B 23 17.29 2.64 -11.29
C PRO B 23 18.62 1.96 -11.51
N ASP B 24 19.35 1.74 -10.44
CA ASP B 24 20.49 0.89 -10.45
C ASP B 24 20.10 -0.51 -10.93
N PRO B 25 20.90 -1.12 -11.82
CA PRO B 25 20.64 -2.51 -12.28
C PRO B 25 20.54 -3.50 -11.15
N SER B 26 21.27 -3.22 -10.07
CA SER B 26 21.10 -3.97 -8.85
C SER B 26 19.64 -4.18 -8.41
N THR B 27 18.74 -3.25 -8.75
CA THR B 27 17.35 -3.21 -8.28
C THR B 27 16.39 -3.83 -9.28
N LYS B 28 16.95 -4.45 -10.33
CA LYS B 28 16.21 -5.14 -11.38
C LYS B 28 15.30 -6.21 -10.76
N ASP B 29 14.03 -6.22 -11.13
CA ASP B 29 13.05 -7.14 -10.54
C ASP B 29 12.63 -6.89 -9.08
N PHE B 30 13.14 -5.83 -8.44
CA PHE B 30 12.46 -5.35 -7.25
C PHE B 30 11.03 -5.14 -7.65
N LEU B 31 10.14 -5.48 -6.75
CA LEU B 31 8.75 -5.24 -7.02
C LEU B 31 7.99 -4.77 -5.78
N LEU B 32 7.03 -3.86 -5.99
CA LEU B 32 6.19 -3.36 -4.89
C LEU B 32 5.18 -4.44 -4.46
N GLN B 33 5.55 -5.19 -3.41
CA GLN B 33 4.80 -6.39 -3.03
C GLN B 33 3.61 -6.15 -2.13
N GLN B 34 3.72 -5.32 -1.11
CA GLN B 34 2.67 -5.26 -0.08
C GLN B 34 2.57 -3.91 0.63
N THR B 35 1.37 -3.63 1.15
CA THR B 35 1.08 -2.56 2.07
C THR B 35 0.43 -3.22 3.27
N MET B 36 0.85 -2.88 4.49
CA MET B 36 0.36 -3.58 5.69
C MET B 36 -0.50 -2.67 6.56
N LEU B 37 -1.70 -3.15 6.89
CA LEU B 37 -2.62 -2.49 7.80
C LEU B 37 -2.90 -3.39 9.00
N ARG B 38 -2.93 -2.78 10.18
CA ARG B 38 -3.34 -3.50 11.39
C ARG B 38 -4.85 -3.45 11.49
N ILE B 39 -5.45 -4.62 11.71
CA ILE B 39 -6.93 -4.77 11.67
C ILE B 39 -7.50 -5.31 13.00
N LYS B 40 -8.63 -4.73 13.42
CA LYS B 40 -9.22 -5.10 14.68
C LYS B 40 -9.90 -6.47 14.60
N ASP B 41 -10.71 -6.68 13.56
CA ASP B 41 -11.53 -7.90 13.44
C ASP B 41 -11.30 -8.56 12.10
N PRO B 42 -10.58 -9.69 12.07
CA PRO B 42 -10.30 -10.36 10.79
C PRO B 42 -11.53 -11.03 10.13
N LYS B 43 -12.64 -11.13 10.87
CA LYS B 43 -13.87 -11.71 10.30
C LYS B 43 -14.52 -10.65 9.40
N LYS B 44 -14.81 -9.49 10.03
CA LYS B 44 -15.16 -8.25 9.34
C LYS B 44 -14.24 -7.89 8.18
N SER B 45 -12.93 -7.91 8.40
CA SER B 45 -12.01 -7.47 7.37
C SER B 45 -11.98 -8.42 6.18
N LEU B 46 -11.95 -9.73 6.42
CA LEU B 46 -11.94 -10.68 5.31
C LEU B 46 -13.24 -10.72 4.52
N ASP B 47 -14.35 -10.65 5.24
CA ASP B 47 -15.62 -10.47 4.58
C ASP B 47 -15.62 -9.22 3.66
N PHE B 48 -15.17 -8.08 4.18
CA PHE B 48 -15.12 -6.82 3.41
C PHE B 48 -14.29 -6.93 2.12
N TYR B 49 -13.04 -7.31 2.25
CA TYR B 49 -12.16 -7.28 1.12
C TYR B 49 -12.52 -8.33 0.07
N THR B 50 -13.19 -9.40 0.47
CA THR B 50 -13.47 -10.45 -0.52
C THR B 50 -14.85 -10.24 -1.15
N ARG B 51 -15.85 -10.33 -0.28
CA ARG B 51 -17.21 -10.15 -0.70
C ARG B 51 -17.46 -8.75 -1.26
N VAL B 52 -17.10 -7.71 -0.49
CA VAL B 52 -17.38 -6.34 -0.93
C VAL B 52 -16.46 -5.86 -2.06
N LEU B 53 -15.15 -6.04 -1.89
CA LEU B 53 -14.18 -5.50 -2.85
C LEU B 53 -13.63 -6.45 -3.87
N GLY B 54 -13.76 -7.76 -3.68
CA GLY B 54 -13.46 -8.69 -4.77
C GLY B 54 -12.03 -9.20 -4.79
N LEU B 55 -11.36 -9.06 -3.63
CA LEU B 55 -9.97 -9.54 -3.52
C LEU B 55 -10.06 -10.94 -2.95
N THR B 56 -8.92 -11.60 -2.92
CA THR B 56 -8.88 -13.01 -2.67
C THR B 56 -7.87 -13.26 -1.56
N LEU B 57 -8.29 -13.96 -0.51
CA LEU B 57 -7.34 -14.40 0.51
C LEU B 57 -6.32 -15.34 -0.13
N LEU B 58 -5.05 -14.92 -0.20
CA LEU B 58 -4.02 -15.81 -0.75
C LEU B 58 -3.43 -16.72 0.29
N GLN B 59 -3.21 -16.20 1.50
CA GLN B 59 -2.62 -17.00 2.50
C GLN B 59 -2.85 -16.43 3.86
N LYS B 60 -2.72 -17.30 4.86
CA LYS B 60 -2.77 -16.92 6.24
C LYS B 60 -1.54 -17.52 6.91
N LEU B 61 -0.76 -16.69 7.62
CA LEU B 61 0.37 -17.19 8.42
C LEU B 61 0.06 -16.86 9.87
N ASP B 62 0.25 -17.81 10.77
CA ASP B 62 -0.04 -17.55 12.18
C ASP B 62 1.26 -17.60 12.96
N PHE B 63 1.30 -16.83 14.04
CA PHE B 63 2.47 -16.76 14.91
C PHE B 63 1.96 -16.78 16.34
N PRO B 64 1.76 -17.99 16.90
CA PRO B 64 1.15 -18.11 18.25
C PRO B 64 2.03 -17.53 19.36
N ALA B 65 3.34 -17.65 19.16
CA ALA B 65 4.35 -17.07 20.05
C ALA B 65 4.23 -15.57 20.28
N MET B 66 3.83 -14.82 19.25
CA MET B 66 3.60 -13.37 19.38
C MET B 66 2.13 -12.98 19.34
N LYS B 67 1.23 -13.96 19.27
CA LYS B 67 -0.23 -13.72 19.33
C LYS B 67 -0.71 -12.87 18.14
N PHE B 68 -0.22 -13.18 16.93
CA PHE B 68 -0.71 -12.48 15.74
C PHE B 68 -0.87 -13.33 14.46
N SER B 69 -1.81 -12.94 13.61
CA SER B 69 -1.96 -13.60 12.30
C SER B 69 -1.77 -12.54 11.20
N LEU B 70 -1.30 -13.00 10.05
CA LEU B 70 -1.19 -12.19 8.84
C LEU B 70 -2.05 -12.80 7.77
N TYR B 71 -2.84 -11.94 7.12
CA TYR B 71 -3.70 -12.34 6.02
C TYR B 71 -3.28 -11.62 4.72
N PHE B 72 -2.95 -12.36 3.66
CA PHE B 72 -2.57 -11.74 2.39
C PHE B 72 -3.65 -11.82 1.29
N LEU B 73 -3.97 -10.66 0.71
CA LEU B 73 -5.04 -10.53 -0.25
C LEU B 73 -4.63 -9.73 -1.49
N ALA B 74 -5.14 -10.16 -2.62
CA ALA B 74 -4.79 -9.58 -3.88
C ALA B 74 -5.92 -9.84 -4.82
N TYR B 75 -5.98 -9.09 -5.93
CA TYR B 75 -6.81 -9.46 -7.06
C TYR B 75 -6.05 -10.50 -7.91
N GLU B 76 -6.46 -11.74 -7.71
CA GLU B 76 -5.82 -12.90 -8.27
C GLU B 76 -6.93 -13.96 -8.33
N ASP B 77 -6.93 -14.78 -9.39
CA ASP B 77 -7.79 -15.95 -9.43
C ASP B 77 -7.33 -16.98 -8.38
N LYS B 78 -8.26 -17.46 -7.55
CA LYS B 78 -7.94 -18.52 -6.55
C LYS B 78 -7.49 -19.83 -7.21
N ASN B 79 -7.74 -19.96 -8.51
CA ASN B 79 -7.24 -21.12 -9.25
C ASN B 79 -5.78 -21.00 -9.70
N ASP B 80 -5.09 -19.91 -9.33
CA ASP B 80 -3.63 -19.84 -9.45
C ASP B 80 -2.93 -20.11 -8.11
N ILE B 81 -3.70 -20.15 -7.02
CA ILE B 81 -3.12 -20.36 -5.69
C ILE B 81 -2.60 -21.79 -5.54
N PRO B 82 -1.27 -21.98 -5.63
CA PRO B 82 -0.67 -23.31 -5.51
C PRO B 82 -1.15 -23.94 -4.22
N LYS B 83 -1.58 -25.20 -4.27
CA LYS B 83 -2.12 -25.88 -3.08
C LYS B 83 -0.98 -26.26 -2.12
N ASP B 84 0.17 -26.59 -2.71
CA ASP B 84 1.38 -26.95 -1.98
C ASP B 84 1.82 -25.85 -0.98
N LYS B 85 1.66 -26.15 0.31
CA LYS B 85 1.83 -25.17 1.40
C LYS B 85 3.14 -24.39 1.42
N SER B 86 4.18 -24.94 0.80
CA SER B 86 5.49 -24.30 0.74
C SER B 86 5.60 -23.35 -0.45
N GLU B 87 4.82 -23.68 -1.48
CA GLU B 87 4.89 -23.10 -2.81
C GLU B 87 3.80 -22.04 -2.96
N LYS B 88 2.82 -22.15 -2.08
CA LYS B 88 1.77 -21.18 -1.99
C LYS B 88 2.39 -19.87 -1.50
N THR B 89 3.12 -19.98 -0.39
CA THR B 89 3.90 -18.90 0.18
C THR B 89 4.75 -18.21 -0.89
N ALA B 90 5.64 -18.97 -1.54
CA ALA B 90 6.52 -18.44 -2.58
C ALA B 90 5.79 -17.65 -3.65
N TRP B 91 4.60 -18.12 -4.01
CA TRP B 91 3.79 -17.49 -5.05
C TRP B 91 3.22 -16.12 -4.57
N THR B 92 2.51 -16.16 -3.44
CA THR B 92 1.95 -15.04 -2.67
C THR B 92 2.84 -13.79 -2.58
N PHE B 93 4.04 -14.01 -2.05
CA PHE B 93 5.02 -12.98 -1.82
C PHE B 93 5.74 -12.64 -3.10
N SER B 94 5.23 -13.16 -4.21
CA SER B 94 5.81 -12.85 -5.49
C SER B 94 4.77 -12.11 -6.33
N ARG B 95 3.54 -12.04 -5.82
CA ARG B 95 2.48 -11.24 -6.44
C ARG B 95 2.67 -9.75 -6.18
N LYS B 96 2.35 -8.89 -7.15
CA LYS B 96 2.35 -7.43 -6.90
C LYS B 96 1.01 -6.98 -6.31
N ALA B 97 1.01 -5.85 -5.59
CA ALA B 97 -0.21 -5.17 -5.16
C ALA B 97 -1.04 -6.10 -4.27
N THR B 98 -0.49 -6.38 -3.11
CA THR B 98 -1.00 -7.25 -2.08
C THR B 98 -1.31 -6.38 -0.85
N LEU B 99 -2.32 -6.76 -0.07
CA LEU B 99 -2.54 -6.24 1.29
C LEU B 99 -2.20 -7.29 2.35
N GLU B 100 -1.30 -6.97 3.27
CA GLU B 100 -1.04 -7.78 4.46
C GLU B 100 -1.86 -7.27 5.61
N LEU B 101 -2.89 -7.98 6.03
CA LEU B 101 -3.68 -7.53 7.16
C LEU B 101 -3.17 -8.23 8.42
N THR B 102 -2.93 -7.45 9.48
CA THR B 102 -2.30 -7.96 10.68
C THR B 102 -3.26 -7.95 11.79
N HIS B 103 -3.71 -9.14 12.19
CA HIS B 103 -4.55 -9.28 13.38
C HIS B 103 -3.73 -9.62 14.62
N ASN B 104 -3.63 -8.66 15.54
CA ASN B 104 -3.13 -8.92 16.88
C ASN B 104 -4.23 -9.54 17.75
N TRP B 105 -4.17 -10.87 17.92
CA TRP B 105 -5.14 -11.62 18.73
C TRP B 105 -5.49 -10.87 20.00
N GLY B 106 -6.80 -10.74 20.26
CA GLY B 106 -7.30 -10.05 21.44
C GLY B 106 -8.18 -8.85 21.11
N THR B 107 -7.69 -8.01 20.20
CA THR B 107 -8.28 -6.69 19.86
C THR B 107 -9.77 -6.68 19.49
N GLU B 108 -10.25 -7.74 18.84
CA GLU B 108 -11.66 -7.81 18.45
C GLU B 108 -12.62 -7.85 19.64
N ASP B 109 -12.06 -8.07 20.84
CA ASP B 109 -12.84 -8.23 22.08
C ASP B 109 -12.70 -7.04 23.06
N ASP B 110 -12.00 -6.00 22.64
CA ASP B 110 -11.69 -4.85 23.50
C ASP B 110 -12.37 -3.60 22.95
N GLU B 111 -13.49 -3.23 23.56
CA GLU B 111 -14.32 -2.15 23.03
C GLU B 111 -13.61 -0.78 23.03
N THR B 112 -12.51 -0.68 23.79
CA THR B 112 -11.76 0.57 23.88
C THR B 112 -10.74 0.68 22.74
N GLN B 113 -10.63 -0.37 21.92
CA GLN B 113 -9.53 -0.46 20.96
C GLN B 113 -9.99 -0.17 19.53
N SER B 114 -9.37 0.82 18.91
CA SER B 114 -9.45 0.97 17.47
C SER B 114 -8.07 1.42 16.96
N TYR B 115 -7.77 1.10 15.70
CA TYR B 115 -6.57 1.64 15.07
C TYR B 115 -6.75 3.05 14.49
N HIS B 116 -5.63 3.68 14.24
CA HIS B 116 -5.61 5.03 13.71
C HIS B 116 -5.42 4.97 12.19
N ASN B 117 -6.22 5.74 11.47
CA ASN B 117 -6.22 5.57 10.04
C ASN B 117 -5.19 6.46 9.35
N GLY B 118 -4.46 7.25 10.12
CA GLY B 118 -3.46 8.15 9.54
C GLY B 118 -3.99 9.45 8.94
N ASN B 119 -5.31 9.61 8.95
CA ASN B 119 -5.94 10.84 8.42
C ASN B 119 -6.31 11.93 9.42
N SER B 120 -6.17 11.66 10.73
CA SER B 120 -6.08 12.72 11.73
C SER B 120 -4.75 12.71 12.53
N ASP B 121 -4.47 13.85 13.18
CA ASP B 121 -3.24 14.07 13.91
C ASP B 121 -3.02 12.92 14.84
N PRO B 122 -1.80 12.36 14.90
CA PRO B 122 -0.68 12.64 13.99
C PRO B 122 -0.88 11.94 12.60
N ARG B 123 -1.02 12.71 11.53
CA ARG B 123 -1.22 12.24 10.16
C ARG B 123 -0.01 11.51 9.57
N GLY B 124 -0.25 10.56 8.65
CA GLY B 124 0.84 9.86 7.95
C GLY B 124 0.42 9.21 6.66
N PHE B 125 0.28 7.90 6.73
CA PHE B 125 -0.41 7.10 5.74
C PHE B 125 -1.77 7.72 5.46
N GLY B 126 -2.22 7.76 4.21
CA GLY B 126 -3.55 8.34 3.93
C GLY B 126 -4.58 7.32 3.50
N HIS B 127 -4.25 6.56 2.44
CA HIS B 127 -5.20 5.62 1.90
C HIS B 127 -4.64 4.62 0.92
N ILE B 128 -5.45 3.60 0.64
CA ILE B 128 -5.20 2.74 -0.49
C ILE B 128 -6.24 3.19 -1.54
N GLY B 129 -6.04 2.83 -2.81
CA GLY B 129 -6.98 3.23 -3.83
C GLY B 129 -7.13 2.12 -4.86
N ILE B 130 -8.38 1.97 -5.31
CA ILE B 130 -8.80 0.88 -6.15
C ILE B 130 -9.29 1.44 -7.45
N ALA B 131 -8.66 1.00 -8.55
CA ALA B 131 -9.03 1.37 -9.89
C ALA B 131 -10.23 0.60 -10.39
N VAL B 132 -11.32 1.30 -10.70
CA VAL B 132 -12.51 0.62 -11.19
C VAL B 132 -12.95 1.10 -12.59
N PRO B 133 -13.69 0.25 -13.32
CA PRO B 133 -14.18 0.66 -14.63
C PRO B 133 -15.32 1.68 -14.51
N ASP B 134 -16.10 1.60 -13.46
CA ASP B 134 -17.19 2.57 -13.31
C ASP B 134 -17.45 2.89 -11.85
N VAL B 135 -17.15 4.12 -11.47
CA VAL B 135 -17.20 4.52 -10.06
C VAL B 135 -18.63 4.49 -9.51
N TYR B 136 -19.58 4.86 -10.37
CA TYR B 136 -21.00 4.91 -10.00
C TYR B 136 -21.64 3.56 -9.79
N SER B 137 -21.44 2.61 -10.70
CA SER B 137 -21.91 1.25 -10.41
C SER B 137 -21.22 0.71 -9.17
N ALA B 138 -19.89 0.75 -9.17
CA ALA B 138 -19.09 0.33 -8.01
C ALA B 138 -19.71 0.84 -6.72
N CYS B 139 -20.02 2.14 -6.67
CA CYS B 139 -20.46 2.78 -5.43
C CYS B 139 -21.91 2.54 -5.12
N LYS B 140 -22.69 2.35 -6.17
CA LYS B 140 -24.09 2.10 -6.01
C LYS B 140 -24.15 0.78 -5.29
N ARG B 141 -23.31 -0.15 -5.73
CA ARG B 141 -23.26 -1.45 -5.11
C ARG B 141 -22.70 -1.39 -3.69
N PHE B 142 -21.60 -0.64 -3.50
CA PHE B 142 -21.13 -0.37 -2.13
C PHE B 142 -22.25 0.18 -1.24
N GLU B 143 -22.98 1.19 -1.71
CA GLU B 143 -24.09 1.73 -0.92
C GLU B 143 -25.13 0.67 -0.58
N GLU B 144 -25.43 -0.19 -1.54
CA GLU B 144 -26.37 -1.28 -1.39
C GLU B 144 -25.97 -2.27 -0.30
N LEU B 145 -24.67 -2.55 -0.19
CA LEU B 145 -24.17 -3.51 0.77
C LEU B 145 -23.91 -2.88 2.14
N GLY B 146 -24.21 -1.59 2.27
CA GLY B 146 -24.02 -0.94 3.54
C GLY B 146 -22.61 -0.38 3.82
N VAL B 147 -21.74 -0.35 2.83
CA VAL B 147 -20.40 0.25 2.97
C VAL B 147 -20.50 1.71 3.51
N LYS B 148 -19.63 2.09 4.46
CA LYS B 148 -19.67 3.45 5.05
C LYS B 148 -18.79 4.32 4.17
N PHE B 149 -19.28 5.52 3.83
CA PHE B 149 -18.59 6.43 2.90
C PHE B 149 -17.95 7.60 3.59
N VAL B 150 -16.81 8.03 3.07
CA VAL B 150 -16.25 9.31 3.41
C VAL B 150 -16.73 10.37 2.39
N LYS B 151 -16.45 10.10 1.11
CA LYS B 151 -16.85 10.96 0.03
C LYS B 151 -17.61 10.14 -1.01
N LYS B 152 -18.90 10.42 -1.17
CA LYS B 152 -19.66 9.79 -2.22
C LYS B 152 -19.24 10.42 -3.55
N PRO B 153 -19.36 9.66 -4.65
CA PRO B 153 -18.86 10.07 -5.97
C PRO B 153 -19.33 11.44 -6.43
N ASP B 154 -20.54 11.83 -6.05
CA ASP B 154 -21.04 13.13 -6.43
C ASP B 154 -20.71 14.25 -5.48
N ASP B 155 -20.14 13.90 -4.32
CA ASP B 155 -19.87 14.91 -3.30
C ASP B 155 -18.61 15.73 -3.63
N GLY B 156 -18.74 17.04 -3.55
CA GLY B 156 -17.56 17.92 -3.57
C GLY B 156 -17.21 18.29 -4.99
N LYS B 157 -16.04 18.89 -5.15
CA LYS B 157 -15.57 19.37 -6.44
C LYS B 157 -15.20 18.26 -7.41
N MET B 158 -14.50 17.25 -6.92
CA MET B 158 -14.02 16.15 -7.73
C MET B 158 -15.12 15.10 -7.86
N LYS B 159 -15.95 15.25 -8.83
CA LYS B 159 -16.99 14.30 -9.01
C LYS B 159 -16.51 13.12 -9.84
N GLY B 160 -16.86 11.92 -9.44
CA GLY B 160 -16.45 10.75 -10.17
C GLY B 160 -15.41 9.93 -9.48
N LEU B 161 -15.25 10.19 -8.21
CA LEU B 161 -14.21 9.72 -7.38
C LEU B 161 -14.79 9.51 -6.03
N ALA B 162 -14.49 8.41 -5.39
CA ALA B 162 -15.04 8.19 -4.08
C ALA B 162 -14.03 7.76 -3.08
N PHE B 163 -14.38 7.96 -1.83
CA PHE B 163 -13.65 7.37 -0.72
C PHE B 163 -14.63 6.62 0.16
N ILE B 164 -14.30 5.38 0.40
CA ILE B 164 -15.03 4.56 1.35
C ILE B 164 -14.11 4.13 2.52
N GLN B 165 -14.70 3.53 3.54
CA GLN B 165 -13.97 3.07 4.70
C GLN B 165 -14.10 1.56 4.88
N ASP B 166 -13.03 0.93 5.30
CA ASP B 166 -13.11 -0.49 5.63
C ASP B 166 -13.56 -0.63 7.08
N PRO B 167 -13.75 -1.87 7.56
CA PRO B 167 -14.19 -2.13 8.94
C PRO B 167 -13.32 -1.44 10.03
N ASP B 168 -12.09 -1.01 9.70
CA ASP B 168 -11.24 -0.25 10.64
C ASP B 168 -11.29 1.28 10.52
N GLY B 169 -11.88 1.79 9.46
CA GLY B 169 -11.89 3.24 9.22
C GLY B 169 -10.80 3.71 8.24
N TYR B 170 -10.00 2.75 7.76
CA TYR B 170 -9.07 3.00 6.70
C TYR B 170 -9.80 3.48 5.42
N TRP B 171 -9.27 4.56 4.84
CA TRP B 171 -9.88 5.20 3.72
C TRP B 171 -9.45 4.47 2.50
N ILE B 172 -10.42 4.02 1.71
CA ILE B 172 -10.10 3.39 0.43
C ILE B 172 -10.66 4.28 -0.66
N GLU B 173 -9.79 4.75 -1.54
CA GLU B 173 -10.20 5.56 -2.71
C GLU B 173 -10.69 4.72 -3.85
N ILE B 174 -11.70 5.18 -4.57
CA ILE B 174 -12.25 4.50 -5.73
C ILE B 174 -12.20 5.42 -6.95
N LEU B 175 -11.48 5.03 -8.00
CA LEU B 175 -11.33 5.88 -9.15
C LEU B 175 -11.45 5.09 -10.44
N ASN B 176 -11.77 5.80 -11.50
CA ASN B 176 -11.75 5.29 -12.85
C ASN B 176 -10.57 5.95 -13.50
N PRO B 177 -9.57 5.18 -13.92
CA PRO B 177 -8.39 5.81 -14.51
C PRO B 177 -8.70 6.66 -15.77
N ASN B 178 -9.75 6.27 -16.53
CA ASN B 178 -10.17 6.98 -17.76
C ASN B 178 -10.84 8.33 -17.53
N LYS B 179 -11.21 8.59 -16.28
CA LYS B 179 -11.97 9.78 -15.90
C LYS B 179 -11.12 10.72 -15.05
N ILE B 180 -10.08 10.21 -14.39
CA ILE B 180 -9.17 11.08 -13.65
C ILE B 180 -8.80 12.40 -14.34
N ALA B 181 -8.32 12.34 -15.59
CA ALA B 181 -7.89 13.57 -16.29
C ALA B 181 -9.02 14.62 -16.47
N THR B 182 -10.23 14.18 -16.79
CA THR B 182 -11.37 15.09 -16.80
C THR B 182 -11.66 15.68 -15.41
N ILE B 183 -11.69 14.81 -14.39
CA ILE B 183 -12.13 15.15 -13.02
C ILE B 183 -11.27 16.25 -12.41
N ILE B 184 -9.96 16.03 -12.47
CA ILE B 184 -8.99 17.01 -11.98
C ILE B 184 -8.80 18.18 -12.95
ZN ZN C . -4.76 8.77 -3.78
ZN ZN D . 4.78 -7.22 5.89
C1 ZST E . -7.29 15.72 -0.99
O1 ZST E . -8.28 15.59 -1.69
C2 ZST E . -6.14 14.81 -1.09
C3 ZST E . -4.97 15.05 -0.35
C4 ZST E . -5.00 16.23 0.56
C5 ZST E . -6.20 13.74 -1.98
C6 ZST E . -5.09 12.92 -2.16
C7 ZST E . -3.93 13.18 -1.45
C8 ZST E . -3.85 14.23 -0.54
N1 ZST E . -7.15 16.83 -0.06
N2 ZST E . -6.00 17.05 0.70
C9 ZST E . -8.25 17.76 0.10
C10 ZST E . -9.35 17.17 0.93
C11 ZST E . -10.54 16.03 2.71
C12 ZST E . -11.31 16.39 1.59
C13 ZST E . -11.11 15.37 3.79
C14 ZST E . -12.47 15.10 3.76
C15 ZST E . -13.25 15.48 2.67
C16 ZST E . -12.67 16.11 1.58
N3 ZST E . -10.58 17.03 0.58
S1 ZST E . -8.90 16.54 2.50
C17 ZST E . -3.81 16.53 1.46
C18 ZST E . -3.55 15.47 2.50
O2 ZST E . -4.51 14.60 2.65
O3 ZST E . -2.52 15.40 3.14
C19 ZST E . -14.70 15.19 2.68
F1 ZST E . -15.01 14.21 1.82
F2 ZST E . -15.04 14.80 3.85
F3 ZST E . -15.50 16.27 2.40
#